data_6NPX
#
_entry.id   6NPX
#
_cell.length_a   43.693
_cell.length_b   54.334
_cell.length_c   170.625
_cell.angle_alpha   90.00
_cell.angle_beta   90.00
_cell.angle_gamma   90.00
#
_symmetry.space_group_name_H-M   'P 21 21 21'
#
loop_
_entity.id
_entity.type
_entity.pdbx_description
1 polymer Phosphoglucomutase
2 non-polymer 'MAGNESIUM ION'
3 non-polymer DI(HYDROXYETHYL)ETHER
4 non-polymer 6-O-phosphono-alpha-D-mannopyranose
5 water water
#
_entity_poly.entity_id   1
_entity_poly.type   'polypeptide(L)'
_entity_poly.pdbx_seq_one_letter_code
;MGSSHHHHHHSSENLYFQSHMTLPAFKAYDIRGRVPDELNEDLARRIGVALAAQLDQGPVVLGHDVRLASPALQEALSAG
LRASGRDVIDIGLCGTEEVYFQTDYLKAAGGVMVTASHNPMDYNGMKLVREQARPISSDTGLFAIRDTVAADTAAPGEPT
ASEQSRTDKTAYLEHLLSYVDRSTLKPLKLVVNAGNGGAGLIVDLLAPHLPFEFVRVFHEPDGNFPNGIPNPLLPENRDA
TAKAVKDNGADFGIAWDGDFDRCFFFDHTGRFIEGYYLVGLLAQAILAKQPGGKVVHDPRLTWNTVEQVEEAGGIPVLCK
SGHAFIKEKMRSENAVYGGEMSAHHYFREFAYADSGMIPWLLIAELVSQSGRSLADLVEARMQKFPCSGEINFKVADAKA
SVARVMEHYASLSPELDYTDGISADFGQWRFNLRSSNTEPLLRLNVETRGDAALLETRTQEISNLLRG
;
_entity_poly.pdbx_strand_id   A
#
# COMPACT_ATOMS: atom_id res chain seq x y z
N MET A 21 -14.11 2.69 27.78
CA MET A 21 -13.80 2.45 26.38
C MET A 21 -12.30 2.41 26.13
N THR A 22 -11.89 2.43 24.86
CA THR A 22 -10.49 2.42 24.49
C THR A 22 -10.23 3.55 23.50
N LEU A 23 -8.97 3.96 23.45
CA LEU A 23 -8.58 5.06 22.56
C LEU A 23 -8.96 4.71 21.13
N PRO A 24 -9.77 5.53 20.46
CA PRO A 24 -10.24 5.15 19.10
C PRO A 24 -9.15 5.21 18.04
N ALA A 25 -8.04 5.90 18.29
CA ALA A 25 -7.02 6.05 17.26
C ALA A 25 -6.27 4.75 16.99
N PHE A 26 -6.30 3.79 17.91
CA PHE A 26 -5.57 2.54 17.74
C PHE A 26 -6.44 1.59 16.92
N LYS A 27 -6.07 1.40 15.66
CA LYS A 27 -6.81 0.57 14.72
C LYS A 27 -6.14 -0.81 14.63
N ALA A 28 -6.69 -1.65 13.76
CA ALA A 28 -6.20 -3.02 13.66
C ALA A 28 -4.73 -3.04 13.24
N TYR A 29 -4.33 -2.12 12.37
CA TYR A 29 -2.98 -2.17 11.82
C TYR A 29 -2.15 -0.92 12.00
N ASP A 30 -2.74 0.18 12.44
CA ASP A 30 -1.96 1.39 12.61
C ASP A 30 -2.69 2.29 13.58
N ILE A 31 -2.12 3.46 13.82
CA ILE A 31 -2.75 4.49 14.63
C ILE A 31 -3.24 5.56 13.66
N ARG A 32 -4.49 5.98 13.79
CA ARG A 32 -5.07 7.02 12.94
C ARG A 32 -6.18 7.69 13.73
N GLY A 33 -6.13 9.01 13.82
CA GLY A 33 -7.18 9.73 14.52
C GLY A 33 -7.12 11.20 14.20
N ARG A 34 -8.18 11.90 14.62
CA ARG A 34 -8.25 13.34 14.43
C ARG A 34 -7.39 14.04 15.47
N VAL A 35 -6.61 15.03 15.02
CA VAL A 35 -5.79 15.84 15.92
C VAL A 35 -6.64 17.05 16.32
N PRO A 36 -6.73 17.39 17.61
CA PRO A 36 -5.95 16.83 18.72
C PRO A 36 -6.72 15.94 19.71
N ASP A 37 -7.96 15.55 19.40
CA ASP A 37 -8.74 14.85 20.41
C ASP A 37 -8.46 13.36 20.41
N GLU A 38 -8.15 12.77 19.26
CA GLU A 38 -7.83 11.35 19.18
C GLU A 38 -6.32 11.09 19.08
N LEU A 39 -5.55 12.10 18.70
CA LEU A 39 -4.10 11.95 18.60
C LEU A 39 -3.47 13.30 18.83
N ASN A 40 -2.46 13.34 19.69
CA ASN A 40 -1.87 14.61 20.09
C ASN A 40 -0.46 14.33 20.58
N GLU A 41 0.26 15.39 20.93
CA GLU A 41 1.65 15.22 21.32
C GLU A 41 1.80 14.44 22.62
N ASP A 42 0.87 14.62 23.57
CA ASP A 42 0.91 13.82 24.81
C ASP A 42 0.81 12.34 24.48
N LEU A 43 -0.22 11.97 23.73
CA LEU A 43 -0.38 10.58 23.33
C LEU A 43 0.84 10.09 22.56
N ALA A 44 1.35 10.90 21.62
CA ALA A 44 2.50 10.49 20.83
C ALA A 44 3.72 10.23 21.71
N ARG A 45 3.95 11.08 22.71
CA ARG A 45 5.05 10.84 23.63
C ARG A 45 4.83 9.54 24.41
N ARG A 46 3.61 9.30 24.88
CA ARG A 46 3.34 8.05 25.60
C ARG A 46 3.51 6.84 24.71
N ILE A 47 3.21 6.97 23.41
CA ILE A 47 3.40 5.87 22.48
C ILE A 47 4.89 5.56 22.33
N GLY A 48 5.73 6.60 22.31
CA GLY A 48 7.17 6.37 22.28
C GLY A 48 7.68 5.60 23.48
N VAL A 49 7.22 5.98 24.69
CA VAL A 49 7.59 5.25 25.89
C VAL A 49 7.15 3.79 25.79
N ALA A 50 5.89 3.56 25.40
CA ALA A 50 5.39 2.18 25.35
C ALA A 50 6.07 1.38 24.25
N LEU A 51 6.37 2.01 23.12
CA LEU A 51 7.05 1.28 22.04
C LEU A 51 8.43 0.79 22.48
N ALA A 52 9.12 1.60 23.28
CA ALA A 52 10.47 1.23 23.73
C ALA A 52 10.47 -0.07 24.52
N ALA A 53 9.41 -0.30 25.32
CA ALA A 53 9.31 -1.54 26.08
C ALA A 53 8.91 -2.72 25.22
N GLN A 54 8.48 -2.51 23.98
CA GLN A 54 8.01 -3.59 23.13
C GLN A 54 9.07 -4.09 22.17
N LEU A 55 10.16 -3.36 21.99
CA LEU A 55 11.13 -3.69 20.97
C LEU A 55 12.35 -4.40 21.57
N ASP A 56 13.03 -5.18 20.73
CA ASP A 56 14.36 -5.66 21.04
C ASP A 56 15.30 -4.46 21.14
N GLN A 57 16.56 -4.73 21.48
CA GLN A 57 17.51 -3.63 21.66
C GLN A 57 17.86 -2.99 20.32
N GLY A 58 18.25 -1.71 20.37
CA GLY A 58 18.66 -0.99 19.19
C GLY A 58 17.97 0.35 19.07
N PRO A 59 18.38 1.15 18.08
CA PRO A 59 17.78 2.47 17.90
C PRO A 59 16.45 2.38 17.17
N VAL A 60 15.73 3.50 17.16
CA VAL A 60 14.43 3.56 16.51
C VAL A 60 14.46 4.64 15.42
N VAL A 61 14.08 4.25 14.20
CA VAL A 61 13.96 5.16 13.07
C VAL A 61 12.63 5.91 13.15
N LEU A 62 12.66 7.22 12.92
CA LEU A 62 11.45 8.04 12.86
C LEU A 62 11.44 8.88 11.58
N GLY A 63 10.33 8.83 10.86
CA GLY A 63 10.11 9.70 9.71
C GLY A 63 8.69 10.20 9.72
N HIS A 64 8.41 11.16 8.83
CA HIS A 64 7.08 11.78 8.83
C HIS A 64 6.71 12.28 7.43
N ASP A 65 5.41 12.47 7.24
CA ASP A 65 4.84 12.92 5.97
C ASP A 65 4.66 14.44 5.95
N VAL A 66 3.94 14.94 4.93
CA VAL A 66 3.82 16.38 4.73
C VAL A 66 2.76 17.04 5.59
N ARG A 67 2.01 16.29 6.38
CA ARG A 67 0.92 16.89 7.13
C ARG A 67 1.45 17.89 8.16
N LEU A 68 0.64 18.92 8.43
CA LEU A 68 1.12 20.04 9.23
C LEU A 68 1.51 19.62 10.62
N ALA A 69 0.78 18.66 11.20
CA ALA A 69 1.07 18.23 12.57
C ALA A 69 2.16 17.17 12.65
N SER A 70 2.63 16.65 11.51
CA SER A 70 3.53 15.50 11.57
C SER A 70 4.86 15.77 12.26
N PRO A 71 5.58 16.88 12.01
CA PRO A 71 6.84 17.09 12.74
C PRO A 71 6.66 17.13 14.24
N ALA A 72 5.63 17.83 14.73
CA ALA A 72 5.41 17.92 16.17
C ALA A 72 5.12 16.56 16.77
N LEU A 73 4.31 15.75 16.08
CA LEU A 73 4.03 14.41 16.59
C LEU A 73 5.29 13.56 16.60
N GLN A 74 6.16 13.71 15.59
CA GLN A 74 7.40 12.97 15.57
C GLN A 74 8.32 13.38 16.73
N GLU A 75 8.44 14.69 16.99
CA GLU A 75 9.27 15.14 18.10
C GLU A 75 8.79 14.58 19.42
N ALA A 76 7.47 14.49 19.60
CA ALA A 76 6.91 13.93 20.82
C ALA A 76 7.26 12.45 20.94
N LEU A 77 7.09 11.69 19.85
CA LEU A 77 7.53 10.31 19.79
C LEU A 77 8.99 10.20 20.18
N SER A 78 9.83 11.06 19.58
CA SER A 78 11.26 11.02 19.86
C SER A 78 11.52 11.27 21.34
N ALA A 79 10.80 12.22 21.95
CA ALA A 79 11.02 12.52 23.36
C ALA A 79 10.71 11.32 24.24
N GLY A 80 9.57 10.67 23.99
CA GLY A 80 9.22 9.47 24.76
C GLY A 80 10.23 8.36 24.55
N LEU A 81 10.61 8.10 23.29
CA LEU A 81 11.62 7.08 23.02
C LEU A 81 12.92 7.38 23.77
N ARG A 82 13.40 8.62 23.72
CA ARG A 82 14.68 8.93 24.36
C ARG A 82 14.58 8.96 25.88
N ALA A 83 13.43 9.35 26.42
CA ALA A 83 13.22 9.23 27.86
C ALA A 83 13.34 7.78 28.31
N SER A 84 13.06 6.83 27.41
CA SER A 84 13.17 5.41 27.70
C SER A 84 14.49 4.81 27.22
N GLY A 85 15.49 5.64 26.96
CA GLY A 85 16.82 5.15 26.63
C GLY A 85 17.03 4.67 25.22
N ARG A 86 16.15 5.02 24.28
CA ARG A 86 16.29 4.62 22.88
C ARG A 86 16.94 5.74 22.09
N ASP A 87 18.07 5.42 21.42
CA ASP A 87 18.60 6.34 20.43
C ASP A 87 17.60 6.46 19.28
N VAL A 88 17.49 7.65 18.73
CA VAL A 88 16.54 7.92 17.65
C VAL A 88 17.31 8.29 16.40
N ILE A 89 16.95 7.67 15.28
CA ILE A 89 17.47 8.04 13.96
C ILE A 89 16.35 8.79 13.24
N ASP A 90 16.48 10.12 13.14
CA ASP A 90 15.48 10.93 12.47
C ASP A 90 15.82 10.96 10.99
N ILE A 91 14.97 10.33 10.15
CA ILE A 91 15.21 10.35 8.72
C ILE A 91 14.45 11.47 8.03
N GLY A 92 13.70 12.29 8.77
CA GLY A 92 13.06 13.48 8.23
C GLY A 92 11.77 13.22 7.47
N LEU A 93 11.40 14.23 6.67
CA LEU A 93 10.27 14.13 5.76
C LEU A 93 10.54 13.02 4.75
N CYS A 94 9.64 12.05 4.65
CA CYS A 94 9.92 10.87 3.82
C CYS A 94 8.60 10.18 3.50
N GLY A 95 8.68 9.13 2.68
CA GLY A 95 7.56 8.24 2.52
C GLY A 95 7.61 7.09 3.52
N THR A 96 6.45 6.46 3.71
CA THR A 96 6.36 5.31 4.61
C THR A 96 7.36 4.23 4.27
N GLU A 97 7.54 3.94 2.98
CA GLU A 97 8.50 2.92 2.59
C GLU A 97 9.92 3.28 2.99
N GLU A 98 10.24 4.57 3.16
CA GLU A 98 11.58 4.92 3.62
C GLU A 98 11.78 4.56 5.09
N VAL A 99 10.73 4.67 5.91
CA VAL A 99 10.85 4.17 7.28
C VAL A 99 11.07 2.66 7.27
N TYR A 100 10.36 1.94 6.40
CA TYR A 100 10.58 0.49 6.31
C TYR A 100 12.01 0.19 5.90
N PHE A 101 12.47 0.85 4.84
CA PHE A 101 13.78 0.55 4.29
C PHE A 101 14.88 0.90 5.29
N GLN A 102 14.84 2.09 5.88
CA GLN A 102 15.90 2.48 6.80
C GLN A 102 15.88 1.65 8.08
N THR A 103 14.68 1.30 8.55
CA THR A 103 14.62 0.44 9.74
C THR A 103 15.37 -0.86 9.50
N ASP A 104 15.14 -1.48 8.35
CA ASP A 104 15.83 -2.72 8.03
C ASP A 104 17.29 -2.47 7.68
N TYR A 105 17.55 -1.50 6.81
CA TYR A 105 18.90 -1.26 6.33
C TYR A 105 19.84 -0.89 7.47
N LEU A 106 19.38 -0.04 8.40
CA LEU A 106 20.23 0.37 9.51
C LEU A 106 20.19 -0.61 10.67
N LYS A 107 19.51 -1.74 10.50
CA LYS A 107 19.41 -2.75 11.55
C LYS A 107 18.92 -2.15 12.87
N ALA A 108 17.91 -1.30 12.75
CA ALA A 108 17.31 -0.67 13.91
C ALA A 108 16.39 -1.63 14.64
N ALA A 109 16.08 -1.29 15.90
CA ALA A 109 15.13 -2.08 16.67
C ALA A 109 13.72 -1.90 16.15
N GLY A 110 13.43 -0.80 15.49
CA GLY A 110 12.08 -0.54 15.03
C GLY A 110 12.03 0.81 14.36
N GLY A 111 10.83 1.18 13.95
CA GLY A 111 10.63 2.43 13.26
C GLY A 111 9.19 2.89 13.38
N VAL A 112 8.99 4.20 13.28
CA VAL A 112 7.67 4.78 13.22
C VAL A 112 7.60 5.80 12.11
N MET A 113 6.56 5.70 11.28
CA MET A 113 6.22 6.72 10.30
C MET A 113 5.00 7.50 10.80
N VAL A 114 5.14 8.81 10.96
CA VAL A 114 4.00 9.66 11.29
C VAL A 114 3.34 10.03 9.97
N THR A 115 2.13 9.54 9.76
CA THR A 115 1.42 9.80 8.50
C THR A 115 -0.05 9.45 8.69
N ALA A 116 -0.90 10.09 7.89
CA ALA A 116 -2.29 9.69 7.73
C ALA A 116 -2.60 9.29 6.30
N SER A 117 -1.56 9.06 5.50
CA SER A 117 -1.71 8.47 4.17
C SER A 117 -2.59 9.34 3.28
N HIS A 118 -3.88 9.01 3.22
CA HIS A 118 -4.82 9.64 2.30
C HIS A 118 -5.98 10.32 3.03
N ASN A 119 -5.93 10.37 4.35
CA ASN A 119 -7.08 10.77 5.17
C ASN A 119 -7.26 12.29 5.14
N PRO A 120 -8.38 12.82 5.69
CA PRO A 120 -8.63 14.27 5.60
C PRO A 120 -7.60 15.14 6.33
N MET A 121 -7.77 16.46 6.20
CA MET A 121 -6.76 17.39 6.68
C MET A 121 -6.59 17.37 8.19
N ASP A 122 -7.66 17.10 8.94
CA ASP A 122 -7.62 17.17 10.39
C ASP A 122 -7.16 15.86 11.03
N TYR A 123 -6.61 14.93 10.25
CA TYR A 123 -6.25 13.61 10.74
C TYR A 123 -4.74 13.41 10.68
N ASN A 124 -4.22 12.58 11.58
CA ASN A 124 -2.85 12.10 11.47
C ASN A 124 -2.81 10.67 11.97
N GLY A 125 -1.60 10.15 12.19
CA GLY A 125 -1.48 8.77 12.60
C GLY A 125 -0.04 8.27 12.55
N MET A 126 0.10 6.97 12.77
CA MET A 126 1.43 6.37 12.82
C MET A 126 1.38 4.94 12.32
N LYS A 127 2.43 4.55 11.60
CA LYS A 127 2.65 3.15 11.24
C LYS A 127 3.88 2.71 12.00
N LEU A 128 3.78 1.60 12.72
CA LEU A 128 4.85 1.17 13.61
C LEU A 128 5.39 -0.16 13.13
N VAL A 129 6.72 -0.29 13.15
CA VAL A 129 7.38 -1.54 12.78
C VAL A 129 8.47 -1.88 13.78
N ARG A 130 8.84 -3.16 13.82
N ARG A 130 8.83 -3.16 13.83
CA ARG A 130 9.94 -3.63 14.66
CA ARG A 130 9.95 -3.62 14.66
C ARG A 130 11.14 -4.03 13.78
C ARG A 130 11.12 -4.05 13.77
N GLU A 131 11.92 -5.01 14.24
CA GLU A 131 13.13 -5.38 13.52
C GLU A 131 12.82 -5.89 12.12
N GLN A 132 13.71 -5.60 11.18
CA GLN A 132 13.49 -5.90 9.75
C GLN A 132 12.21 -5.27 9.21
N ALA A 133 11.74 -4.19 9.82
CA ALA A 133 10.51 -3.51 9.43
C ALA A 133 9.30 -4.44 9.51
N ARG A 134 9.32 -5.39 10.43
CA ARG A 134 8.18 -6.28 10.60
C ARG A 134 7.03 -5.51 11.23
N PRO A 135 5.81 -5.63 10.72
CA PRO A 135 4.72 -4.79 11.22
C PRO A 135 4.38 -5.07 12.68
N ILE A 136 4.00 -4.01 13.38
CA ILE A 136 3.39 -4.10 14.69
C ILE A 136 1.91 -3.80 14.52
N SER A 137 1.08 -4.78 14.79
CA SER A 137 -0.36 -4.69 14.56
C SER A 137 -1.09 -4.98 15.88
N SER A 138 -2.42 -4.91 15.83
CA SER A 138 -3.23 -4.97 17.05
C SER A 138 -2.86 -6.17 17.91
N ASP A 139 -2.71 -7.34 17.29
CA ASP A 139 -2.38 -8.57 18.00
C ASP A 139 -0.89 -8.83 18.10
N THR A 140 -0.05 -7.98 17.50
CA THR A 140 1.38 -8.18 17.51
C THR A 140 2.10 -7.01 18.19
N GLY A 141 1.46 -6.42 19.18
CA GLY A 141 2.07 -5.41 20.02
C GLY A 141 1.37 -4.07 20.01
N LEU A 142 0.53 -3.79 19.01
CA LEU A 142 -0.05 -2.46 18.93
C LEU A 142 -1.09 -2.23 20.02
N PHE A 143 -1.92 -3.24 20.31
CA PHE A 143 -2.89 -3.08 21.37
C PHE A 143 -2.25 -3.15 22.75
N ALA A 144 -1.15 -3.90 22.89
CA ALA A 144 -0.36 -3.82 24.11
C ALA A 144 0.16 -2.41 24.33
N ILE A 145 0.60 -1.75 23.24
CA ILE A 145 1.02 -0.35 23.35
C ILE A 145 -0.16 0.53 23.75
N ARG A 146 -1.31 0.31 23.11
CA ARG A 146 -2.51 1.08 23.45
C ARG A 146 -2.83 0.97 24.94
N ASP A 147 -2.86 -0.26 25.47
CA ASP A 147 -3.23 -0.47 26.87
C ASP A 147 -2.20 0.14 27.82
N THR A 148 -0.92 0.07 27.46
CA THR A 148 0.11 0.77 28.25
C THR A 148 -0.16 2.27 28.26
N VAL A 149 -0.30 2.86 27.07
CA VAL A 149 -0.60 4.28 26.95
C VAL A 149 -1.88 4.63 27.70
N ALA A 150 -2.90 3.76 27.61
CA ALA A 150 -4.18 4.06 28.24
C ALA A 150 -4.06 4.19 29.75
N ALA A 151 -3.14 3.46 30.37
CA ALA A 151 -3.05 3.44 31.82
C ALA A 151 -1.87 4.23 32.36
N ASP A 152 -1.04 4.78 31.48
CA ASP A 152 0.19 5.47 31.85
C ASP A 152 -0.15 6.84 32.42
N THR A 153 -0.03 6.99 33.73
CA THR A 153 -0.17 8.29 34.39
C THR A 153 1.16 8.77 34.95
N ALA A 154 2.27 8.18 34.51
CA ALA A 154 3.58 8.52 35.05
C ALA A 154 4.01 9.90 34.59
N ALA A 155 4.84 10.55 35.40
CA ALA A 155 5.45 11.80 34.99
C ALA A 155 6.43 11.53 33.85
N PRO A 156 6.42 12.34 32.79
CA PRO A 156 7.35 12.11 31.69
C PRO A 156 8.79 12.28 32.15
N GLY A 157 9.62 11.29 31.85
CA GLY A 157 11.02 11.39 32.17
C GLY A 157 11.75 12.29 31.19
N GLU A 158 13.00 12.52 31.48
CA GLU A 158 13.81 13.30 30.55
C GLU A 158 14.61 12.38 29.66
N PRO A 159 15.02 12.86 28.49
CA PRO A 159 15.82 12.02 27.58
C PRO A 159 17.12 11.56 28.21
N THR A 160 17.41 10.27 28.05
CA THR A 160 18.69 9.68 28.42
C THR A 160 19.40 9.13 27.20
N ALA A 161 18.86 9.36 26.01
CA ALA A 161 19.46 8.91 24.76
C ALA A 161 19.41 10.05 23.76
N SER A 162 20.10 9.85 22.64
CA SER A 162 20.35 10.91 21.68
C SER A 162 19.47 10.71 20.45
N GLU A 163 19.27 11.80 19.73
CA GLU A 163 18.68 11.79 18.39
C GLU A 163 19.75 12.21 17.40
N GLN A 164 19.90 11.42 16.34
CA GLN A 164 20.80 11.74 15.23
C GLN A 164 19.97 11.98 13.98
N SER A 165 20.36 12.99 13.21
CA SER A 165 19.70 13.28 11.95
C SER A 165 20.39 12.47 10.86
N ARG A 166 19.61 11.67 10.14
CA ARG A 166 20.14 10.77 9.11
C ARG A 166 19.20 10.89 7.90
N THR A 167 19.35 11.96 7.14
CA THR A 167 18.49 12.19 5.99
C THR A 167 19.04 11.65 4.68
N ASP A 168 20.28 11.13 4.67
CA ASP A 168 20.87 10.59 3.45
C ASP A 168 19.97 9.54 2.84
N LYS A 169 19.56 9.74 1.58
CA LYS A 169 18.71 8.81 0.85
C LYS A 169 19.50 7.94 -0.12
N THR A 170 20.83 8.03 -0.11
CA THR A 170 21.65 7.36 -1.13
C THR A 170 21.39 5.86 -1.18
N ALA A 171 21.45 5.18 -0.04
CA ALA A 171 21.24 3.73 -0.03
C ALA A 171 19.83 3.38 -0.52
N TYR A 172 18.84 4.18 -0.13
CA TYR A 172 17.46 3.95 -0.57
C TYR A 172 17.33 4.14 -2.07
N LEU A 173 17.88 5.23 -2.59
CA LEU A 173 17.84 5.49 -4.03
C LEU A 173 18.57 4.41 -4.82
N GLU A 174 19.76 4.00 -4.36
CA GLU A 174 20.47 2.93 -5.04
C GLU A 174 19.65 1.65 -5.04
N HIS A 175 18.98 1.34 -3.92
CA HIS A 175 18.16 0.13 -3.88
C HIS A 175 17.04 0.22 -4.91
N LEU A 176 16.38 1.38 -5.01
CA LEU A 176 15.34 1.56 -6.01
C LEU A 176 15.88 1.32 -7.42
N LEU A 177 17.00 1.96 -7.75
CA LEU A 177 17.56 1.83 -9.09
C LEU A 177 18.05 0.42 -9.40
N SER A 178 18.34 -0.40 -8.39
CA SER A 178 18.85 -1.74 -8.66
C SER A 178 17.81 -2.67 -9.28
N TYR A 179 16.54 -2.28 -9.29
CA TYR A 179 15.53 -3.16 -9.87
C TYR A 179 15.49 -3.11 -11.38
N VAL A 180 16.17 -2.17 -12.02
CA VAL A 180 16.06 -1.99 -13.46
C VAL A 180 17.46 -1.88 -14.06
N ASP A 181 17.57 -2.30 -15.33
CA ASP A 181 18.81 -2.17 -16.08
C ASP A 181 18.74 -0.81 -16.76
N ARG A 182 19.46 0.16 -16.20
CA ARG A 182 19.33 1.53 -16.65
C ARG A 182 19.70 1.70 -18.11
N SER A 183 20.60 0.86 -18.63
CA SER A 183 20.99 0.96 -20.03
C SER A 183 19.89 0.49 -20.98
N THR A 184 18.86 -0.18 -20.48
CA THR A 184 17.76 -0.61 -21.33
C THR A 184 16.61 0.36 -21.34
N LEU A 185 16.65 1.41 -20.50
CA LEU A 185 15.52 2.32 -20.39
C LEU A 185 15.47 3.27 -21.57
N LYS A 186 14.27 3.55 -22.02
CA LYS A 186 14.02 4.50 -23.09
C LYS A 186 13.52 5.82 -22.50
N PRO A 187 13.71 6.94 -23.21
CA PRO A 187 13.30 8.24 -22.69
C PRO A 187 11.78 8.44 -22.75
N LEU A 188 11.07 7.57 -22.03
CA LEU A 188 9.63 7.66 -21.92
C LEU A 188 9.23 8.99 -21.28
N LYS A 189 8.03 9.46 -21.62
CA LYS A 189 7.47 10.66 -21.03
C LYS A 189 6.43 10.20 -20.03
N LEU A 190 6.66 10.48 -18.75
CA LEU A 190 5.85 9.92 -17.68
C LEU A 190 5.19 11.06 -16.90
N VAL A 191 3.87 11.01 -16.80
CA VAL A 191 3.18 11.89 -15.86
C VAL A 191 3.37 11.34 -14.45
N VAL A 192 3.74 12.20 -13.51
CA VAL A 192 3.81 11.84 -12.10
C VAL A 192 2.96 12.82 -11.31
N ASN A 193 2.12 12.29 -10.41
CA ASN A 193 1.19 13.12 -9.65
C ASN A 193 1.30 12.73 -8.17
N ALA A 194 2.12 13.49 -7.44
CA ALA A 194 2.31 13.29 -6.01
C ALA A 194 1.11 13.75 -5.18
N GLY A 195 0.17 14.48 -5.79
CA GLY A 195 -0.99 14.93 -5.04
C GLY A 195 -0.63 15.85 -3.91
N ASN A 196 0.49 16.55 -4.00
CA ASN A 196 1.05 17.40 -2.97
C ASN A 196 1.46 16.64 -1.73
N GLY A 197 1.62 15.32 -1.84
CA GLY A 197 2.26 14.52 -0.83
C GLY A 197 3.75 14.52 -1.05
N GLY A 198 4.39 13.42 -0.67
CA GLY A 198 5.83 13.40 -0.67
C GLY A 198 6.51 12.72 -1.84
N ALA A 199 5.77 12.18 -2.79
CA ALA A 199 6.39 11.35 -3.83
C ALA A 199 7.30 12.14 -4.76
N GLY A 200 6.98 13.42 -5.00
CA GLY A 200 7.74 14.18 -5.97
C GLY A 200 9.19 14.35 -5.57
N LEU A 201 9.47 14.37 -4.27
N LEU A 201 9.46 14.38 -4.26
CA LEU A 201 10.84 14.54 -3.80
CA LEU A 201 10.82 14.54 -3.76
C LEU A 201 11.70 13.35 -4.20
C LEU A 201 11.70 13.35 -4.16
N ILE A 202 11.14 12.15 -4.16
CA ILE A 202 11.89 10.98 -4.58
C ILE A 202 12.01 10.92 -6.10
N VAL A 203 10.94 11.26 -6.82
CA VAL A 203 11.01 11.34 -8.27
C VAL A 203 12.17 12.24 -8.68
N ASP A 204 12.24 13.44 -8.09
CA ASP A 204 13.26 14.41 -8.48
C ASP A 204 14.66 13.94 -8.11
N LEU A 205 14.80 13.14 -7.07
CA LEU A 205 16.11 12.59 -6.75
C LEU A 205 16.49 11.45 -7.67
N LEU A 206 15.50 10.71 -8.19
CA LEU A 206 15.76 9.64 -9.14
C LEU A 206 16.03 10.20 -10.54
N ALA A 207 15.39 11.32 -10.90
CA ALA A 207 15.44 11.84 -12.26
C ALA A 207 16.84 11.96 -12.85
N PRO A 208 17.86 12.45 -12.15
CA PRO A 208 19.19 12.56 -12.77
C PRO A 208 19.78 11.23 -13.21
N HIS A 209 19.28 10.12 -12.68
CA HIS A 209 19.80 8.79 -13.00
C HIS A 209 18.94 8.06 -14.02
N LEU A 210 17.94 8.74 -14.61
CA LEU A 210 16.98 8.10 -15.49
C LEU A 210 16.81 8.96 -16.73
N PRO A 211 16.49 8.34 -17.87
CA PRO A 211 16.34 9.10 -19.13
C PRO A 211 14.95 9.67 -19.37
N PHE A 212 14.02 9.46 -18.43
CA PHE A 212 12.64 9.84 -18.67
C PHE A 212 12.47 11.35 -18.64
N GLU A 213 11.42 11.83 -19.33
CA GLU A 213 10.93 13.18 -19.15
C GLU A 213 9.69 13.11 -18.27
N PHE A 214 9.72 13.81 -17.14
CA PHE A 214 8.61 13.80 -16.22
C PHE A 214 7.71 15.01 -16.46
N VAL A 215 6.41 14.76 -16.49
CA VAL A 215 5.38 15.78 -16.50
C VAL A 215 4.82 15.79 -15.09
N ARG A 216 5.17 16.81 -14.32
CA ARG A 216 4.92 16.83 -12.89
C ARG A 216 3.58 17.53 -12.61
N VAL A 217 2.66 16.80 -11.98
CA VAL A 217 1.35 17.31 -11.58
C VAL A 217 1.27 17.32 -10.06
N PHE A 218 0.74 18.41 -9.48
CA PHE A 218 0.54 18.50 -8.04
C PHE A 218 1.78 18.03 -7.28
N HIS A 219 2.92 18.61 -7.67
CA HIS A 219 4.22 18.03 -7.38
C HIS A 219 4.78 18.52 -6.05
N GLU A 220 4.48 19.74 -5.67
CA GLU A 220 5.15 20.30 -4.51
C GLU A 220 4.50 19.78 -3.23
N PRO A 221 5.29 19.42 -2.23
CA PRO A 221 4.70 18.97 -0.96
C PRO A 221 4.02 20.15 -0.27
N ASP A 222 2.76 19.93 0.13
CA ASP A 222 1.98 20.98 0.77
C ASP A 222 0.90 20.28 1.59
N GLY A 223 1.10 20.23 2.91
CA GLY A 223 0.13 19.63 3.79
C GLY A 223 -1.18 20.39 3.92
N ASN A 224 -1.30 21.57 3.32
CA ASN A 224 -2.61 22.19 3.22
C ASN A 224 -3.44 21.56 2.12
N PHE A 225 -2.81 20.77 1.26
CA PHE A 225 -3.47 20.04 0.18
C PHE A 225 -4.40 20.92 -0.67
N PRO A 226 -3.86 21.98 -1.28
CA PRO A 226 -4.70 22.91 -2.05
C PRO A 226 -5.46 22.25 -3.18
N ASN A 227 -5.01 21.08 -3.65
CA ASN A 227 -5.62 20.42 -4.78
C ASN A 227 -6.41 19.19 -4.37
N GLY A 228 -6.74 19.06 -3.10
CA GLY A 228 -7.44 17.91 -2.57
C GLY A 228 -6.50 16.97 -1.84
N ILE A 229 -7.06 16.23 -0.89
CA ILE A 229 -6.29 15.27 -0.10
C ILE A 229 -5.70 14.22 -1.04
N PRO A 230 -4.54 13.67 -0.73
CA PRO A 230 -3.88 12.77 -1.68
C PRO A 230 -4.51 11.40 -1.74
N ASN A 231 -5.52 11.25 -2.59
CA ASN A 231 -6.28 10.00 -2.74
C ASN A 231 -6.58 9.81 -4.22
N PRO A 232 -5.71 9.12 -4.96
CA PRO A 232 -5.92 8.96 -6.42
C PRO A 232 -7.18 8.20 -6.80
N LEU A 233 -7.91 7.63 -5.85
CA LEU A 233 -9.15 6.95 -6.19
C LEU A 233 -10.31 7.93 -6.33
N LEU A 234 -10.21 9.14 -5.80
CA LEU A 234 -11.24 10.14 -6.00
C LEU A 234 -11.27 10.51 -7.49
N PRO A 235 -12.42 10.39 -8.17
CA PRO A 235 -12.45 10.66 -9.62
C PRO A 235 -11.92 12.02 -10.01
N GLU A 236 -12.12 13.04 -9.17
N GLU A 236 -12.11 13.05 -9.17
CA GLU A 236 -11.58 14.36 -9.49
CA GLU A 236 -11.59 14.37 -9.50
C GLU A 236 -10.06 14.36 -9.48
C GLU A 236 -10.06 14.40 -9.45
N ASN A 237 -9.45 13.59 -8.57
CA ASN A 237 -7.99 13.53 -8.53
C ASN A 237 -7.44 12.61 -9.62
N ARG A 238 -8.14 11.51 -9.87
CA ARG A 238 -7.84 10.65 -11.02
C ARG A 238 -7.78 11.46 -12.30
N ASP A 239 -8.73 12.38 -12.49
CA ASP A 239 -8.82 13.09 -13.77
C ASP A 239 -7.64 14.03 -14.01
N ALA A 240 -7.01 14.51 -12.95
CA ALA A 240 -5.84 15.38 -13.14
C ALA A 240 -4.69 14.60 -13.77
N THR A 241 -4.47 13.36 -13.33
CA THR A 241 -3.45 12.53 -13.96
C THR A 241 -3.83 12.19 -15.39
N ALA A 242 -5.08 11.76 -15.60
CA ALA A 242 -5.54 11.36 -16.93
C ALA A 242 -5.40 12.49 -17.93
N LYS A 243 -5.82 13.71 -17.53
CA LYS A 243 -5.72 14.88 -18.39
C LYS A 243 -4.27 15.15 -18.76
N ALA A 244 -3.35 15.09 -17.79
CA ALA A 244 -1.97 15.40 -18.07
C ALA A 244 -1.36 14.37 -19.02
N VAL A 245 -1.73 13.09 -18.86
CA VAL A 245 -1.30 12.07 -19.82
C VAL A 245 -1.80 12.40 -21.22
N LYS A 246 -3.11 12.61 -21.36
CA LYS A 246 -3.70 12.85 -22.68
C LYS A 246 -3.18 14.14 -23.32
N ASP A 247 -3.11 15.22 -22.54
CA ASP A 247 -2.69 16.51 -23.07
C ASP A 247 -1.21 16.53 -23.46
N ASN A 248 -0.41 15.64 -22.88
CA ASN A 248 1.02 15.65 -23.15
C ASN A 248 1.52 14.46 -23.95
N GLY A 249 0.62 13.58 -24.40
CA GLY A 249 1.09 12.41 -25.12
C GLY A 249 2.04 11.54 -24.32
N ALA A 250 1.83 11.46 -23.02
CA ALA A 250 2.74 10.68 -22.17
C ALA A 250 2.57 9.18 -22.41
N ASP A 251 3.64 8.43 -22.18
CA ASP A 251 3.56 6.99 -22.31
C ASP A 251 2.67 6.39 -21.23
N PHE A 252 2.79 6.87 -20.00
CA PHE A 252 1.81 6.52 -18.97
C PHE A 252 1.93 7.51 -17.85
N GLY A 253 1.03 7.38 -16.88
CA GLY A 253 1.03 8.24 -15.72
C GLY A 253 1.01 7.43 -14.45
N ILE A 254 1.54 8.04 -13.39
CA ILE A 254 1.64 7.44 -12.06
C ILE A 254 1.16 8.45 -11.05
N ALA A 255 0.24 8.04 -10.18
CA ALA A 255 -0.15 8.85 -9.04
C ALA A 255 0.10 8.06 -7.76
N TRP A 256 0.26 8.78 -6.66
CA TRP A 256 0.47 8.16 -5.37
C TRP A 256 -0.46 8.76 -4.31
N ASP A 257 -0.67 8.01 -3.25
CA ASP A 257 -1.23 8.60 -2.05
C ASP A 257 -0.15 9.42 -1.33
N GLY A 258 -0.54 10.02 -0.20
CA GLY A 258 0.28 11.05 0.40
C GLY A 258 1.62 10.54 0.89
N ASP A 259 1.61 9.35 1.47
CA ASP A 259 2.84 8.73 1.94
C ASP A 259 3.45 7.78 0.92
N PHE A 260 2.86 7.76 -0.29
CA PHE A 260 3.35 7.05 -1.47
C PHE A 260 3.70 5.58 -1.26
N ASP A 261 3.07 4.91 -0.29
CA ASP A 261 3.17 3.45 -0.33
C ASP A 261 2.18 2.81 -1.30
N ARG A 262 1.30 3.59 -1.94
CA ARG A 262 0.40 3.07 -2.95
C ARG A 262 0.65 3.81 -4.25
N CYS A 263 0.61 3.09 -5.36
N CYS A 263 0.53 3.08 -5.36
CA CYS A 263 0.82 3.68 -6.66
CA CYS A 263 0.88 3.53 -6.70
C CYS A 263 -0.32 3.27 -7.58
C CYS A 263 -0.29 3.22 -7.63
N PHE A 264 -0.66 4.18 -8.50
CA PHE A 264 -1.81 4.03 -9.38
C PHE A 264 -1.40 4.42 -10.79
N PHE A 265 -1.76 3.59 -11.76
CA PHE A 265 -1.23 3.73 -13.11
C PHE A 265 -2.31 4.13 -14.10
N PHE A 266 -1.91 4.94 -15.08
CA PHE A 266 -2.78 5.41 -16.14
C PHE A 266 -2.06 5.15 -17.44
N ASP A 267 -2.75 4.52 -18.39
CA ASP A 267 -2.10 4.22 -19.65
C ASP A 267 -2.13 5.46 -20.54
N HIS A 268 -1.58 5.33 -21.74
CA HIS A 268 -1.40 6.47 -22.62
C HIS A 268 -2.71 7.07 -23.11
N THR A 269 -3.83 6.37 -22.95
CA THR A 269 -5.12 6.92 -23.30
C THR A 269 -5.76 7.70 -22.16
N GLY A 270 -5.10 7.76 -21.00
CA GLY A 270 -5.66 8.37 -19.81
C GLY A 270 -6.41 7.42 -18.92
N ARG A 271 -6.55 6.16 -19.33
CA ARG A 271 -7.37 5.19 -18.61
C ARG A 271 -6.65 4.73 -17.35
N PHE A 272 -7.33 4.85 -16.20
CA PHE A 272 -6.83 4.25 -14.98
C PHE A 272 -6.86 2.72 -15.09
N ILE A 273 -5.75 2.09 -14.75
CA ILE A 273 -5.63 0.63 -14.80
C ILE A 273 -5.94 0.06 -13.42
N GLU A 274 -6.94 -0.81 -13.34
CA GLU A 274 -7.27 -1.48 -12.08
C GLU A 274 -6.04 -2.15 -11.50
N GLY A 275 -5.81 -1.91 -10.21
CA GLY A 275 -4.65 -2.47 -9.55
C GLY A 275 -4.49 -3.97 -9.71
N TYR A 276 -5.60 -4.69 -9.81
CA TYR A 276 -5.56 -6.14 -10.01
C TYR A 276 -4.60 -6.54 -11.12
N TYR A 277 -4.65 -5.84 -12.25
CA TYR A 277 -3.85 -6.26 -13.40
C TYR A 277 -2.38 -5.93 -13.25
N LEU A 278 -2.05 -4.98 -12.37
CA LEU A 278 -0.65 -4.70 -12.12
C LEU A 278 0.01 -5.85 -11.36
N VAL A 279 -0.77 -6.61 -10.60
CA VAL A 279 -0.17 -7.71 -9.83
C VAL A 279 0.42 -8.76 -10.75
N GLY A 280 -0.36 -9.22 -11.73
CA GLY A 280 0.18 -10.17 -12.69
C GLY A 280 1.32 -9.58 -13.52
N LEU A 281 1.19 -8.31 -13.90
CA LEU A 281 2.22 -7.69 -14.74
C LEU A 281 3.53 -7.53 -13.97
N LEU A 282 3.46 -7.04 -12.74
CA LEU A 282 4.71 -6.92 -11.97
C LEU A 282 5.28 -8.28 -11.61
N ALA A 283 4.44 -9.28 -11.34
CA ALA A 283 4.93 -10.62 -11.08
C ALA A 283 5.72 -11.14 -12.27
N GLN A 284 5.23 -10.94 -13.49
CA GLN A 284 6.00 -11.35 -14.65
C GLN A 284 7.30 -10.57 -14.76
N ALA A 285 7.28 -9.27 -14.44
CA ALA A 285 8.51 -8.48 -14.48
C ALA A 285 9.53 -9.04 -13.50
N ILE A 286 9.08 -9.33 -12.28
CA ILE A 286 9.97 -9.84 -11.23
C ILE A 286 10.51 -11.22 -11.61
N LEU A 287 9.63 -12.11 -12.11
CA LEU A 287 10.02 -13.49 -12.39
C LEU A 287 11.03 -13.58 -13.51
N ALA A 288 11.07 -12.61 -14.41
CA ALA A 288 12.16 -12.54 -15.38
C ALA A 288 13.50 -12.37 -14.68
N LYS A 289 13.54 -11.61 -13.58
CA LYS A 289 14.77 -11.39 -12.83
C LYS A 289 15.03 -12.47 -11.80
N GLN A 290 13.99 -13.17 -11.33
CA GLN A 290 14.13 -14.18 -10.29
C GLN A 290 13.27 -15.37 -10.68
N PRO A 291 13.75 -16.18 -11.63
CA PRO A 291 12.92 -17.28 -12.15
C PRO A 291 12.55 -18.30 -11.08
N GLY A 292 11.35 -18.86 -11.23
CA GLY A 292 10.86 -19.91 -10.35
C GLY A 292 10.38 -19.44 -8.99
N GLY A 293 10.40 -18.13 -8.74
CA GLY A 293 10.07 -17.65 -7.41
C GLY A 293 8.59 -17.75 -7.10
N LYS A 294 8.30 -17.65 -5.80
N LYS A 294 8.30 -17.65 -5.80
N LYS A 294 8.29 -17.67 -5.80
CA LYS A 294 6.92 -17.63 -5.34
CA LYS A 294 6.91 -17.64 -5.34
CA LYS A 294 6.92 -17.64 -5.34
C LYS A 294 6.39 -16.21 -5.29
C LYS A 294 6.39 -16.21 -5.30
C LYS A 294 6.40 -16.21 -5.32
N VAL A 295 5.11 -16.06 -5.60
CA VAL A 295 4.44 -14.76 -5.65
C VAL A 295 3.20 -14.83 -4.81
N VAL A 296 3.07 -13.91 -3.86
CA VAL A 296 1.96 -13.89 -2.93
C VAL A 296 0.90 -12.94 -3.45
N HIS A 297 -0.36 -13.34 -3.36
CA HIS A 297 -1.45 -12.52 -3.89
C HIS A 297 -2.63 -12.63 -2.94
N ASP A 298 -3.53 -11.66 -3.01
CA ASP A 298 -4.66 -11.63 -2.11
C ASP A 298 -5.80 -12.44 -2.68
N PRO A 299 -6.89 -12.65 -1.93
CA PRO A 299 -8.00 -13.46 -2.43
C PRO A 299 -9.10 -12.68 -3.12
N ARG A 300 -8.98 -11.35 -3.23
CA ARG A 300 -10.09 -10.56 -3.75
C ARG A 300 -10.32 -10.86 -5.23
N LEU A 301 -9.27 -10.74 -6.02
CA LEU A 301 -9.28 -11.09 -7.44
C LEU A 301 -8.03 -11.92 -7.66
N THR A 302 -8.19 -13.08 -8.32
CA THR A 302 -7.15 -14.10 -8.29
C THR A 302 -6.80 -14.70 -9.64
N TRP A 303 -7.79 -14.93 -10.51
CA TRP A 303 -7.58 -15.82 -11.65
C TRP A 303 -6.49 -15.32 -12.58
N ASN A 304 -6.42 -14.01 -12.80
CA ASN A 304 -5.42 -13.50 -13.74
C ASN A 304 -4.02 -13.63 -13.17
N THR A 305 -3.87 -13.38 -11.87
CA THR A 305 -2.56 -13.45 -11.24
C THR A 305 -2.03 -14.88 -11.24
N VAL A 306 -2.89 -15.83 -10.87
CA VAL A 306 -2.49 -17.23 -10.88
C VAL A 306 -2.00 -17.62 -12.27
N GLU A 307 -2.75 -17.24 -13.29
CA GLU A 307 -2.37 -17.65 -14.65
C GLU A 307 -1.07 -17.00 -15.09
N GLN A 308 -0.93 -15.69 -14.86
CA GLN A 308 0.28 -14.99 -15.30
C GLN A 308 1.51 -15.42 -14.51
N VAL A 309 1.38 -15.62 -13.20
CA VAL A 309 2.50 -16.14 -12.43
C VAL A 309 2.94 -17.51 -12.95
N GLU A 310 1.97 -18.41 -13.17
CA GLU A 310 2.30 -19.75 -13.65
C GLU A 310 2.91 -19.71 -15.04
N GLU A 311 2.38 -18.87 -15.94
CA GLU A 311 2.94 -18.78 -17.28
C GLU A 311 4.39 -18.31 -17.24
N ALA A 312 4.72 -17.45 -16.28
CA ALA A 312 6.07 -16.92 -16.15
C ALA A 312 7.00 -17.85 -15.35
N GLY A 313 6.53 -19.05 -14.98
CA GLY A 313 7.35 -20.00 -14.26
C GLY A 313 7.40 -19.79 -12.77
N GLY A 314 6.56 -18.92 -12.22
CA GLY A 314 6.49 -18.73 -10.79
C GLY A 314 5.42 -19.59 -10.14
N ILE A 315 5.36 -19.49 -8.82
CA ILE A 315 4.40 -20.26 -8.02
C ILE A 315 3.52 -19.30 -7.25
N PRO A 316 2.22 -19.21 -7.55
CA PRO A 316 1.34 -18.28 -6.83
C PRO A 316 0.95 -18.82 -5.45
N VAL A 317 0.88 -17.91 -4.49
CA VAL A 317 0.58 -18.28 -3.10
C VAL A 317 -0.55 -17.39 -2.62
N LEU A 318 -1.72 -17.99 -2.43
CA LEU A 318 -2.89 -17.27 -1.94
C LEU A 318 -2.70 -16.88 -0.48
N CYS A 319 -3.10 -15.66 -0.14
CA CYS A 319 -2.91 -15.14 1.21
C CYS A 319 -4.02 -14.13 1.50
N LYS A 320 -4.46 -14.12 2.76
CA LYS A 320 -5.39 -13.11 3.25
C LYS A 320 -4.86 -11.71 2.94
N SER A 321 -5.77 -10.81 2.56
CA SER A 321 -5.39 -9.44 2.31
C SER A 321 -4.91 -8.76 3.59
N GLY A 322 -4.19 -7.64 3.41
CA GLY A 322 -3.65 -6.87 4.51
C GLY A 322 -2.15 -7.02 4.61
N HIS A 323 -1.44 -5.90 4.71
CA HIS A 323 0.01 -5.93 4.54
C HIS A 323 0.69 -6.82 5.57
N ALA A 324 0.15 -6.91 6.78
CA ALA A 324 0.72 -7.78 7.79
C ALA A 324 0.68 -9.23 7.35
N PHE A 325 -0.47 -9.69 6.84
CA PHE A 325 -0.57 -11.08 6.37
C PHE A 325 0.32 -11.30 5.16
N ILE A 326 0.28 -10.38 4.20
CA ILE A 326 1.06 -10.53 2.98
C ILE A 326 2.54 -10.70 3.31
N LYS A 327 3.08 -9.81 4.16
CA LYS A 327 4.51 -9.84 4.47
C LYS A 327 4.89 -11.10 5.24
N GLU A 328 4.07 -11.50 6.23
CA GLU A 328 4.32 -12.75 6.93
C GLU A 328 4.39 -13.93 5.97
N LYS A 329 3.46 -13.99 5.01
CA LYS A 329 3.42 -15.12 4.10
C LYS A 329 4.59 -15.07 3.12
N MET A 330 4.94 -13.89 2.64
CA MET A 330 6.11 -13.76 1.78
C MET A 330 7.36 -14.24 2.51
N ARG A 331 7.51 -13.85 3.78
CA ARG A 331 8.67 -14.29 4.56
C ARG A 331 8.72 -15.80 4.65
N SER A 332 7.61 -16.42 5.07
CA SER A 332 7.62 -17.85 5.28
C SER A 332 7.80 -18.63 3.99
N GLU A 333 7.48 -18.01 2.84
CA GLU A 333 7.59 -18.65 1.54
C GLU A 333 8.83 -18.24 0.77
N ASN A 334 9.65 -17.34 1.31
CA ASN A 334 10.77 -16.76 0.58
C ASN A 334 10.26 -16.16 -0.74
N ALA A 335 9.07 -15.59 -0.69
CA ALA A 335 8.45 -15.09 -1.91
C ALA A 335 9.19 -13.86 -2.44
N VAL A 336 9.39 -13.83 -3.76
N VAL A 336 9.41 -13.82 -3.75
CA VAL A 336 10.13 -12.74 -4.39
CA VAL A 336 10.14 -12.69 -4.33
C VAL A 336 9.30 -11.47 -4.52
C VAL A 336 9.28 -11.44 -4.41
N TYR A 337 7.97 -11.59 -4.62
CA TYR A 337 7.09 -10.47 -4.85
C TYR A 337 5.72 -10.81 -4.28
N GLY A 338 5.01 -9.80 -3.83
CA GLY A 338 3.62 -9.95 -3.45
C GLY A 338 2.86 -8.72 -3.91
N GLY A 339 1.60 -8.92 -4.22
CA GLY A 339 0.81 -7.81 -4.66
C GLY A 339 -0.65 -7.93 -4.28
N GLU A 340 -1.23 -6.81 -3.86
CA GLU A 340 -2.65 -6.67 -3.69
C GLU A 340 -3.14 -5.71 -4.75
N MET A 341 -4.46 -5.84 -4.89
N MET A 341 -4.46 -5.81 -4.89
CA MET A 341 -5.24 -5.05 -5.83
CA MET A 341 -5.21 -5.01 -5.84
C MET A 341 -5.58 -3.72 -5.22
C MET A 341 -5.60 -3.69 -5.22
N SER A 342 -5.56 -3.61 -3.89
CA SER A 342 -5.47 -2.27 -3.30
C SER A 342 -4.20 -1.43 -3.50
N ALA A 343 -3.38 -1.75 -4.51
CA ALA A 343 -2.28 -0.90 -4.97
C ALA A 343 -1.05 -0.97 -4.08
N HIS A 344 -0.89 -2.05 -3.34
CA HIS A 344 0.31 -2.30 -2.55
C HIS A 344 1.11 -3.40 -3.23
N HIS A 345 2.41 -3.15 -3.41
CA HIS A 345 3.31 -4.09 -4.06
C HIS A 345 4.53 -4.27 -3.19
N TYR A 346 4.86 -5.53 -2.91
CA TYR A 346 5.84 -5.88 -1.88
C TYR A 346 7.00 -6.64 -2.51
N PHE A 347 8.21 -6.37 -2.04
CA PHE A 347 9.41 -6.91 -2.68
C PHE A 347 10.35 -7.49 -1.66
N ARG A 348 10.77 -8.75 -1.89
CA ARG A 348 11.55 -9.48 -0.88
C ARG A 348 12.81 -8.72 -0.49
N GLU A 349 13.55 -8.22 -1.48
CA GLU A 349 14.82 -7.56 -1.19
C GLU A 349 14.62 -6.19 -0.56
N PHE A 350 13.42 -5.63 -0.65
CA PHE A 350 13.03 -4.39 0.03
C PHE A 350 12.49 -4.70 1.42
N ALA A 351 13.20 -5.53 2.17
CA ALA A 351 12.79 -5.89 3.53
C ALA A 351 11.38 -6.46 3.55
N TYR A 352 11.00 -7.14 2.46
CA TYR A 352 9.65 -7.67 2.30
C TYR A 352 8.58 -6.61 2.39
N ALA A 353 8.94 -5.35 2.14
CA ALA A 353 8.04 -4.24 2.37
C ALA A 353 7.45 -3.73 1.06
N ASP A 354 6.41 -2.92 1.19
CA ASP A 354 5.78 -2.33 0.02
C ASP A 354 6.47 -1.02 -0.35
N SER A 355 6.47 -0.74 -1.65
CA SER A 355 7.06 0.47 -2.19
C SER A 355 6.12 1.01 -3.26
N GLY A 356 5.89 2.31 -3.25
CA GLY A 356 5.22 2.97 -4.36
C GLY A 356 6.14 3.40 -5.46
N MET A 357 7.44 3.19 -5.30
CA MET A 357 8.43 3.62 -6.29
C MET A 357 8.91 2.47 -7.17
N ILE A 358 9.25 1.34 -6.55
CA ILE A 358 9.73 0.17 -7.30
C ILE A 358 8.75 -0.18 -8.42
N PRO A 359 7.43 -0.20 -8.19
CA PRO A 359 6.52 -0.63 -9.28
C PRO A 359 6.64 0.17 -10.55
N TRP A 360 6.68 1.51 -10.48
CA TRP A 360 6.71 2.26 -11.74
C TRP A 360 8.08 2.17 -12.42
N LEU A 361 9.16 2.00 -11.65
CA LEU A 361 10.44 1.73 -12.30
C LEU A 361 10.38 0.42 -13.09
N LEU A 362 9.78 -0.63 -12.49
CA LEU A 362 9.66 -1.90 -13.21
C LEU A 362 8.78 -1.77 -14.46
N ILE A 363 7.65 -1.07 -14.35
CA ILE A 363 6.76 -0.91 -15.50
C ILE A 363 7.45 -0.09 -16.59
N ALA A 364 8.14 0.99 -16.20
CA ALA A 364 8.90 1.77 -17.17
C ALA A 364 9.94 0.90 -17.87
N GLU A 365 10.57 0.00 -17.12
CA GLU A 365 11.53 -0.89 -17.74
C GLU A 365 10.84 -1.86 -18.70
N LEU A 366 9.69 -2.40 -18.29
CA LEU A 366 8.98 -3.35 -19.14
C LEU A 366 8.48 -2.69 -20.42
N VAL A 367 7.94 -1.47 -20.33
CA VAL A 367 7.54 -0.73 -21.53
C VAL A 367 8.75 -0.50 -22.44
N SER A 368 9.87 -0.08 -21.84
CA SER A 368 11.09 0.21 -22.62
C SER A 368 11.62 -1.01 -23.35
N GLN A 369 11.69 -2.14 -22.65
CA GLN A 369 12.29 -3.33 -23.22
C GLN A 369 11.38 -4.04 -24.21
N SER A 370 10.07 -3.99 -23.99
CA SER A 370 9.13 -4.73 -24.83
C SER A 370 8.70 -3.97 -26.07
N GLY A 371 8.78 -2.66 -26.06
CA GLY A 371 8.20 -1.86 -27.12
C GLY A 371 6.70 -1.86 -27.13
N ARG A 372 6.07 -2.36 -26.06
CA ARG A 372 4.62 -2.37 -25.94
C ARG A 372 4.19 -1.24 -25.00
N SER A 373 3.03 -0.66 -25.31
CA SER A 373 2.50 0.33 -24.39
C SER A 373 1.94 -0.38 -23.16
N LEU A 374 1.81 0.38 -22.08
CA LEU A 374 1.21 -0.18 -20.87
C LEU A 374 -0.21 -0.66 -21.16
N ALA A 375 -0.95 0.08 -21.97
CA ALA A 375 -2.30 -0.34 -22.37
C ALA A 375 -2.26 -1.72 -23.00
N ASP A 376 -1.35 -1.93 -23.94
CA ASP A 376 -1.33 -3.23 -24.59
C ASP A 376 -0.79 -4.32 -23.67
N LEU A 377 0.09 -3.97 -22.73
CA LEU A 377 0.56 -4.96 -21.77
C LEU A 377 -0.59 -5.56 -20.95
N VAL A 378 -1.65 -4.78 -20.70
CA VAL A 378 -2.76 -5.19 -19.85
CA VAL A 378 -2.75 -5.24 -19.86
C VAL A 378 -4.03 -5.53 -20.63
N GLU A 379 -4.16 -5.07 -21.89
CA GLU A 379 -5.46 -5.14 -22.57
C GLU A 379 -6.02 -6.56 -22.62
N ALA A 380 -5.24 -7.51 -23.15
CA ALA A 380 -5.73 -8.88 -23.28
C ALA A 380 -6.07 -9.49 -21.93
N ARG A 381 -5.35 -9.11 -20.88
CA ARG A 381 -5.66 -9.65 -19.55
C ARG A 381 -6.97 -9.09 -19.03
N MET A 382 -7.25 -7.82 -19.29
CA MET A 382 -8.51 -7.24 -18.88
C MET A 382 -9.68 -7.85 -19.63
N GLN A 383 -9.48 -8.18 -20.91
CA GLN A 383 -10.52 -8.86 -21.69
C GLN A 383 -10.72 -10.29 -21.21
N LYS A 384 -9.64 -10.93 -20.80
CA LYS A 384 -9.73 -12.33 -20.42
C LYS A 384 -10.34 -12.51 -19.02
N PHE A 385 -10.01 -11.62 -18.09
CA PHE A 385 -10.54 -11.68 -16.73
C PHE A 385 -11.07 -10.32 -16.34
N PRO A 386 -12.23 -9.94 -16.86
CA PRO A 386 -12.81 -8.65 -16.48
C PRO A 386 -13.29 -8.71 -15.05
N CYS A 387 -13.19 -7.59 -14.36
CA CYS A 387 -13.52 -7.53 -12.94
C CYS A 387 -14.43 -6.33 -12.68
N SER A 388 -15.17 -6.41 -11.59
CA SER A 388 -16.13 -5.36 -11.29
C SER A 388 -15.47 -4.08 -10.82
N GLY A 389 -14.23 -4.14 -10.39
CA GLY A 389 -13.70 -3.12 -9.52
C GLY A 389 -14.26 -3.34 -8.13
N GLU A 390 -13.54 -2.85 -7.14
CA GLU A 390 -13.98 -3.09 -5.77
C GLU A 390 -15.16 -2.18 -5.44
N ILE A 391 -16.26 -2.78 -5.01
CA ILE A 391 -17.48 -2.07 -4.67
C ILE A 391 -17.74 -2.22 -3.19
N ASN A 392 -17.94 -1.08 -2.52
CA ASN A 392 -18.07 -1.01 -1.07
C ASN A 392 -19.53 -0.81 -0.67
N PHE A 393 -19.91 -1.44 0.44
CA PHE A 393 -21.28 -1.39 0.91
C PHE A 393 -21.25 -1.15 2.42
N LYS A 394 -21.99 -0.14 2.85
CA LYS A 394 -22.28 0.09 4.26
C LYS A 394 -23.75 -0.25 4.43
N VAL A 395 -24.04 -1.38 5.06
CA VAL A 395 -25.40 -1.87 5.20
C VAL A 395 -25.74 -1.93 6.68
N ALA A 396 -27.03 -2.07 6.97
CA ALA A 396 -27.47 -2.10 8.36
C ALA A 396 -26.94 -3.31 9.10
N ASP A 397 -26.76 -4.44 8.41
CA ASP A 397 -26.41 -5.73 9.04
C ASP A 397 -25.55 -6.49 8.02
N ALA A 398 -24.24 -6.31 8.13
CA ALA A 398 -23.33 -6.95 7.19
C ALA A 398 -23.48 -8.47 7.22
N LYS A 399 -23.59 -9.06 8.42
N LYS A 399 -23.59 -9.05 8.43
CA LYS A 399 -23.65 -10.51 8.53
CA LYS A 399 -23.65 -10.49 8.55
C LYS A 399 -24.92 -11.06 7.89
C LYS A 399 -24.92 -11.06 7.91
N ALA A 400 -26.07 -10.44 8.15
CA ALA A 400 -27.30 -10.86 7.50
C ALA A 400 -27.23 -10.65 6.00
N SER A 401 -26.58 -9.57 5.55
CA SER A 401 -26.47 -9.31 4.12
C SER A 401 -25.64 -10.37 3.42
N VAL A 402 -24.50 -10.74 4.00
CA VAL A 402 -23.67 -11.80 3.44
C VAL A 402 -24.43 -13.12 3.43
N ALA A 403 -25.15 -13.42 4.51
CA ALA A 403 -25.95 -14.63 4.56
C ALA A 403 -26.99 -14.66 3.44
N ARG A 404 -27.60 -13.51 3.15
CA ARG A 404 -28.60 -13.45 2.09
C ARG A 404 -27.98 -13.72 0.72
N VAL A 405 -26.75 -13.25 0.50
CA VAL A 405 -26.06 -13.55 -0.74
C VAL A 405 -25.80 -15.05 -0.85
N MET A 406 -25.20 -15.62 0.19
CA MET A 406 -24.83 -17.03 0.15
C MET A 406 -26.06 -17.92 -0.01
N GLU A 407 -27.16 -17.58 0.65
CA GLU A 407 -28.36 -18.39 0.51
C GLU A 407 -28.90 -18.34 -0.92
N HIS A 408 -28.80 -17.19 -1.57
CA HIS A 408 -29.32 -17.08 -2.92
C HIS A 408 -28.56 -17.97 -3.89
N TYR A 409 -27.24 -18.08 -3.74
CA TYR A 409 -26.43 -18.85 -4.66
C TYR A 409 -26.21 -20.28 -4.23
N ALA A 410 -26.85 -20.72 -3.14
CA ALA A 410 -26.57 -22.03 -2.59
C ALA A 410 -26.84 -23.14 -3.61
N SER A 411 -27.90 -23.00 -4.40
CA SER A 411 -28.33 -24.09 -5.27
C SER A 411 -27.35 -24.34 -6.41
N LEU A 412 -26.45 -23.39 -6.69
CA LEU A 412 -25.42 -23.57 -7.70
C LEU A 412 -24.18 -24.26 -7.17
N SER A 413 -24.16 -24.58 -5.88
CA SER A 413 -23.03 -25.18 -5.15
C SER A 413 -21.68 -24.64 -5.59
N PRO A 414 -21.40 -23.36 -5.35
CA PRO A 414 -20.07 -22.84 -5.65
C PRO A 414 -19.02 -23.49 -4.76
N GLU A 415 -17.79 -23.45 -5.23
CA GLU A 415 -16.64 -23.85 -4.44
C GLU A 415 -16.29 -22.67 -3.52
N LEU A 416 -16.29 -22.92 -2.21
CA LEU A 416 -16.23 -21.86 -1.22
C LEU A 416 -14.88 -21.87 -0.51
N ASP A 417 -14.32 -20.69 -0.28
CA ASP A 417 -13.04 -20.56 0.39
C ASP A 417 -13.13 -19.42 1.41
N TYR A 418 -12.61 -19.66 2.61
CA TYR A 418 -12.77 -18.74 3.72
C TYR A 418 -11.46 -18.08 4.12
N THR A 419 -10.50 -17.97 3.20
CA THR A 419 -9.23 -17.31 3.50
C THR A 419 -9.44 -15.88 3.99
N ASP A 420 -10.41 -15.18 3.41
CA ASP A 420 -10.57 -13.74 3.67
C ASP A 420 -12.02 -13.39 3.37
N GLY A 421 -12.88 -13.57 4.37
CA GLY A 421 -14.31 -13.43 4.13
C GLY A 421 -14.83 -14.66 3.43
N ILE A 422 -15.57 -14.48 2.34
CA ILE A 422 -16.08 -15.60 1.57
C ILE A 422 -15.69 -15.41 0.12
N SER A 423 -15.00 -16.39 -0.44
CA SER A 423 -14.76 -16.48 -1.87
C SER A 423 -15.61 -17.62 -2.42
N ALA A 424 -16.30 -17.36 -3.53
CA ALA A 424 -17.19 -18.34 -4.13
C ALA A 424 -16.85 -18.43 -5.60
N ASP A 425 -16.48 -19.63 -6.04
CA ASP A 425 -16.08 -19.90 -7.42
C ASP A 425 -17.18 -20.74 -8.05
N PHE A 426 -17.83 -20.19 -9.07
CA PHE A 426 -18.94 -20.83 -9.76
C PHE A 426 -18.53 -21.48 -11.07
N GLY A 427 -17.24 -21.40 -11.42
CA GLY A 427 -16.74 -21.99 -12.65
C GLY A 427 -16.34 -20.92 -13.64
N GLN A 428 -17.33 -20.26 -14.21
CA GLN A 428 -17.06 -19.18 -15.16
C GLN A 428 -17.04 -17.81 -14.50
N TRP A 429 -17.39 -17.73 -13.22
CA TRP A 429 -17.29 -16.47 -12.50
C TRP A 429 -17.05 -16.77 -11.03
N ARG A 430 -16.56 -15.76 -10.32
CA ARG A 430 -16.32 -15.91 -8.89
C ARG A 430 -16.46 -14.55 -8.22
N PHE A 431 -16.65 -14.57 -6.91
CA PHE A 431 -16.62 -13.32 -6.16
C PHE A 431 -15.87 -13.52 -4.83
N ASN A 432 -15.38 -12.41 -4.30
CA ASN A 432 -14.91 -12.35 -2.92
C ASN A 432 -15.71 -11.28 -2.20
N LEU A 433 -16.13 -11.56 -0.97
CA LEU A 433 -16.96 -10.66 -0.20
C LEU A 433 -16.44 -10.68 1.22
N ARG A 434 -15.93 -9.55 1.70
CA ARG A 434 -15.24 -9.54 2.98
C ARG A 434 -15.45 -8.20 3.68
N SER A 435 -15.32 -8.20 5.01
CA SER A 435 -15.28 -6.97 5.77
C SER A 435 -13.91 -6.33 5.64
N SER A 436 -13.90 -5.00 5.46
CA SER A 436 -12.67 -4.21 5.50
C SER A 436 -12.04 -4.27 6.89
N ASN A 437 -10.72 -4.18 6.91
CA ASN A 437 -9.95 -4.07 8.14
C ASN A 437 -9.60 -2.62 8.47
N THR A 438 -9.98 -1.67 7.60
CA THR A 438 -9.66 -0.27 7.80
C THR A 438 -10.87 0.65 7.83
N GLU A 439 -12.06 0.16 7.50
CA GLU A 439 -13.31 0.91 7.54
C GLU A 439 -14.42 -0.07 7.87
N PRO A 440 -15.57 0.41 8.36
CA PRO A 440 -16.68 -0.53 8.66
C PRO A 440 -17.56 -0.78 7.44
N LEU A 441 -17.01 -1.50 6.48
CA LEU A 441 -17.65 -1.70 5.18
C LEU A 441 -17.47 -3.14 4.76
N LEU A 442 -18.38 -3.59 3.91
CA LEU A 442 -18.22 -4.80 3.12
C LEU A 442 -17.66 -4.42 1.76
N ARG A 443 -16.68 -5.19 1.30
CA ARG A 443 -16.04 -4.98 0.02
C ARG A 443 -16.33 -6.16 -0.91
N LEU A 444 -16.87 -5.87 -2.09
CA LEU A 444 -17.20 -6.88 -3.08
C LEU A 444 -16.26 -6.77 -4.28
N ASN A 445 -15.75 -7.91 -4.75
CA ASN A 445 -15.04 -8.03 -6.01
C ASN A 445 -15.57 -9.23 -6.78
N VAL A 446 -15.89 -9.04 -8.06
CA VAL A 446 -16.39 -10.08 -8.95
C VAL A 446 -15.51 -10.11 -10.19
N GLU A 447 -15.28 -11.31 -10.72
CA GLU A 447 -14.55 -11.46 -11.97
C GLU A 447 -15.13 -12.64 -12.73
N THR A 448 -14.93 -12.64 -14.04
CA THR A 448 -15.44 -13.72 -14.88
C THR A 448 -14.38 -14.16 -15.88
N ARG A 449 -14.64 -15.29 -16.51
CA ARG A 449 -13.78 -15.83 -17.57
C ARG A 449 -14.21 -15.22 -18.90
N GLY A 450 -13.69 -14.03 -19.17
CA GLY A 450 -13.91 -13.36 -20.44
C GLY A 450 -15.34 -13.03 -20.79
N ASP A 451 -16.19 -12.78 -19.78
CA ASP A 451 -17.63 -12.60 -20.02
C ASP A 451 -18.10 -11.33 -19.33
N ALA A 452 -18.17 -10.24 -20.08
CA ALA A 452 -18.52 -8.96 -19.49
C ALA A 452 -20.00 -8.90 -19.13
N ALA A 453 -20.85 -9.62 -19.86
CA ALA A 453 -22.27 -9.62 -19.54
C ALA A 453 -22.53 -10.33 -18.22
N LEU A 454 -21.94 -11.51 -18.05
CA LEU A 454 -22.09 -12.26 -16.81
C LEU A 454 -21.51 -11.46 -15.66
N LEU A 455 -20.42 -10.74 -15.90
CA LEU A 455 -19.84 -9.90 -14.86
C LEU A 455 -20.85 -8.88 -14.37
N GLU A 456 -21.51 -8.16 -15.29
CA GLU A 456 -22.43 -7.12 -14.87
C GLU A 456 -23.69 -7.69 -14.22
N THR A 457 -24.28 -8.75 -14.81
CA THR A 457 -25.51 -9.27 -14.23
C THR A 457 -25.27 -9.87 -12.84
N ARG A 458 -24.13 -10.55 -12.64
CA ARG A 458 -23.86 -11.10 -11.31
C ARG A 458 -23.53 -10.00 -10.31
N THR A 459 -22.75 -8.99 -10.72
CA THR A 459 -22.44 -7.88 -9.84
C THR A 459 -23.71 -7.17 -9.40
N GLN A 460 -24.60 -6.89 -10.33
CA GLN A 460 -25.83 -6.20 -9.98
C GLN A 460 -26.70 -7.07 -9.07
N GLU A 461 -26.74 -8.38 -9.34
CA GLU A 461 -27.53 -9.29 -8.51
C GLU A 461 -26.99 -9.34 -7.08
N ILE A 462 -25.68 -9.40 -6.93
CA ILE A 462 -25.10 -9.40 -5.58
C ILE A 462 -25.38 -8.08 -4.89
N SER A 463 -25.24 -6.98 -5.62
CA SER A 463 -25.51 -5.67 -5.05
C SER A 463 -26.93 -5.59 -4.50
N ASN A 464 -27.91 -6.04 -5.29
CA ASN A 464 -29.30 -6.00 -4.83
C ASN A 464 -29.47 -6.84 -3.57
N LEU A 465 -28.90 -8.04 -3.54
CA LEU A 465 -28.99 -8.86 -2.33
C LEU A 465 -28.38 -8.14 -1.13
N LEU A 466 -27.19 -7.55 -1.31
CA LEU A 466 -26.54 -6.87 -0.19
C LEU A 466 -27.39 -5.71 0.32
N ARG A 467 -28.03 -4.97 -0.57
CA ARG A 467 -28.85 -3.83 -0.17
C ARG A 467 -30.22 -4.24 0.35
N GLY A 468 -30.54 -5.53 0.36
CA GLY A 468 -31.84 -5.99 0.85
C GLY A 468 -31.96 -5.84 2.36
#